data_2A6X
#
_entry.id   2A6X
#
_cell.length_a   54.24
_cell.length_b   56.03
_cell.length_c   77.67
_cell.angle_alpha   90.00
_cell.angle_beta   108.64
_cell.angle_gamma   90.00
#
_symmetry.space_group_name_H-M   'P 1 21 1'
#
loop_
_entity.id
_entity.type
_entity.pdbx_description
1 polymer Emp46p
2 non-polymer 'POTASSIUM ION'
3 non-polymer 1,2-ETHANEDIOL
4 water water
#
_entity_poly.entity_id   1
_entity_poly.type   'polypeptide(L)'
_entity_poly.pdbx_seq_one_letter_code
;GSDELKWNKGYSLPNLLEVTDQQKELSQWTLGDKVKLEEGRFVLTPGKNTKGSLWLKPEYSIKDAMTIEWTFRSFGFRGS
TKGGLAFWLKQGNEGDSTELFGGSSKKFNGLMILLRLDDKLGESVTAFLNDGTKDLDIESSPYFASCLFQYQDSMVPSTL
RLTYNPLDNHLLKLQMDNRVCFQTRKVKFMGSSPFRIGTSAINDASKESFEILKMKLYDGVIEDSL
;
_entity_poly.pdbx_strand_id   A,B
#
loop_
_chem_comp.id
_chem_comp.type
_chem_comp.name
_chem_comp.formula
EDO non-polymer 1,2-ETHANEDIOL 'C2 H6 O2'
K non-polymer 'POTASSIUM ION' 'K 1'
#
# COMPACT_ATOMS: atom_id res chain seq x y z
N LEU A 5 21.02 10.30 24.06
CA LEU A 5 20.09 11.18 24.82
C LEU A 5 18.93 11.60 23.92
N LYS A 6 19.25 11.89 22.66
CA LYS A 6 18.28 12.44 21.70
C LYS A 6 17.59 11.30 20.95
N TRP A 7 16.30 11.47 20.65
CA TRP A 7 15.62 10.44 19.86
C TRP A 7 15.88 10.56 18.36
N ASN A 8 15.79 9.42 17.69
CA ASN A 8 15.95 9.33 16.25
C ASN A 8 14.63 9.71 15.59
N LYS A 9 14.54 10.95 15.13
CA LYS A 9 13.31 11.49 14.52
C LYS A 9 12.82 10.68 13.32
N GLY A 10 13.73 10.09 12.56
CA GLY A 10 13.38 9.28 11.40
C GLY A 10 12.68 7.97 11.71
N TYR A 11 12.83 7.51 12.96
CA TYR A 11 12.17 6.27 13.38
C TYR A 11 11.26 6.54 14.58
N SER A 12 10.74 7.76 14.68
CA SER A 12 9.83 8.14 15.75
C SER A 12 8.57 8.77 15.18
N LEU A 13 7.51 8.79 15.97
CA LEU A 13 6.37 9.63 15.64
C LEU A 13 6.71 11.07 15.98
N PRO A 14 6.23 12.01 15.17
CA PRO A 14 6.31 13.41 15.54
C PRO A 14 5.36 13.70 16.69
N ASN A 15 5.46 14.88 17.28
CA ASN A 15 4.46 15.26 18.25
C ASN A 15 3.14 15.37 17.53
N LEU A 16 2.20 14.49 17.86
CA LEU A 16 0.96 14.34 17.11
C LEU A 16 0.00 15.49 17.26
N LEU A 17 0.00 16.10 18.45
CA LEU A 17 -0.83 17.23 18.69
C LEU A 17 -0.37 18.39 17.83
N GLU A 18 0.95 18.57 17.76
CA GLU A 18 1.54 19.72 17.09
C GLU A 18 1.54 19.60 15.56
N VAL A 19 1.18 18.42 15.04
CA VAL A 19 1.12 18.21 13.59
C VAL A 19 0.21 19.25 12.93
N THR A 20 0.71 19.85 11.86
CA THR A 20 -0.06 20.79 11.02
C THR A 20 -0.25 20.24 9.61
N ASP A 21 0.79 19.61 9.09
CA ASP A 21 0.79 18.93 7.79
C ASP A 21 0.95 17.43 8.05
N GLN A 22 -0.17 16.71 8.12
CA GLN A 22 -0.17 15.27 8.39
C GLN A 22 0.64 14.46 7.37
N GLN A 23 0.57 14.86 6.10
CA GLN A 23 1.22 14.09 5.06
C GLN A 23 2.74 14.19 5.18
N LYS A 24 3.25 15.36 5.51
CA LYS A 24 4.70 15.60 5.58
C LYS A 24 5.31 14.94 6.80
N GLU A 25 4.67 15.16 7.95
CA GLU A 25 5.28 14.82 9.22
C GLU A 25 5.13 13.34 9.53
N LEU A 26 4.21 12.69 8.83
CA LEU A 26 4.01 11.26 8.97
C LEU A 26 4.53 10.45 7.76
N SER A 27 5.40 11.04 6.94
CA SER A 27 5.84 10.39 5.69
C SER A 27 6.57 9.07 5.86
N GLN A 28 7.13 8.85 7.04
CA GLN A 28 7.91 7.64 7.31
C GLN A 28 7.03 6.52 7.91
N TRP A 29 5.73 6.78 8.08
CA TRP A 29 4.78 5.85 8.70
C TRP A 29 3.69 5.39 7.74
N THR A 30 3.33 4.11 7.83
CA THR A 30 2.21 3.55 7.10
C THR A 30 1.04 3.41 8.06
N LEU A 31 -0.05 4.08 7.73
CA LEU A 31 -1.28 3.96 8.47
C LEU A 31 -2.09 2.84 7.85
N GLY A 32 -2.37 1.79 8.62
CA GLY A 32 -3.05 0.61 8.13
C GLY A 32 -4.47 0.51 8.60
N ASP A 33 -5.33 0.05 7.68
CA ASP A 33 -6.74 -0.19 7.98
C ASP A 33 -7.43 1.04 8.56
N LYS A 34 -8.04 0.96 9.75
CA LYS A 34 -8.90 2.04 10.23
C LYS A 34 -8.25 3.09 11.15
N VAL A 35 -6.94 3.03 11.35
CA VAL A 35 -6.28 3.99 12.23
C VAL A 35 -6.52 5.44 11.74
N LYS A 36 -6.78 6.35 12.68
CA LYS A 36 -7.02 7.74 12.35
C LYS A 36 -6.39 8.67 13.39
N LEU A 37 -5.82 9.76 12.93
CA LEU A 37 -5.31 10.79 13.81
C LEU A 37 -6.49 11.68 14.20
N GLU A 38 -6.90 11.62 15.46
CA GLU A 38 -8.04 12.36 15.98
C GLU A 38 -7.65 13.14 17.24
N GLU A 39 -7.79 14.47 17.20
CA GLU A 39 -7.50 15.32 18.37
C GLU A 39 -6.23 14.92 19.11
N GLY A 40 -5.15 14.79 18.34
CA GLY A 40 -3.83 14.71 18.90
C GLY A 40 -3.31 13.32 19.25
N ARG A 41 -4.06 12.27 18.92
CA ARG A 41 -3.53 10.90 19.02
C ARG A 41 -4.11 9.98 17.97
N PHE A 42 -3.43 8.87 17.72
CA PHE A 42 -3.94 7.86 16.83
C PHE A 42 -4.92 6.94 17.55
N VAL A 43 -6.08 6.76 16.95
CA VAL A 43 -7.03 5.78 17.42
C VAL A 43 -6.93 4.62 16.43
N LEU A 44 -6.37 3.51 16.90
CA LEU A 44 -6.21 2.33 16.06
C LEU A 44 -7.53 1.65 15.71
N THR A 45 -8.47 1.66 16.66
CA THR A 45 -9.71 0.91 16.52
C THR A 45 -10.94 1.79 16.82
N PRO A 46 -11.24 2.73 15.91
CA PRO A 46 -12.24 3.76 16.18
C PRO A 46 -13.69 3.30 16.14
N GLY A 47 -13.96 2.13 15.61
CA GLY A 47 -15.33 1.64 15.52
C GLY A 47 -15.48 0.20 15.93
N LYS A 48 -16.72 -0.28 15.90
CA LYS A 48 -17.00 -1.67 16.19
C LYS A 48 -16.25 -2.62 15.26
N ASN A 49 -15.57 -3.59 15.85
CA ASN A 49 -14.86 -4.64 15.12
C ASN A 49 -13.94 -4.06 14.05
N THR A 50 -13.13 -3.08 14.45
CA THR A 50 -12.15 -2.49 13.55
C THR A 50 -10.75 -2.88 13.97
N LYS A 51 -9.88 -2.82 12.98
CA LYS A 51 -8.46 -3.02 13.20
C LYS A 51 -7.73 -1.83 12.64
N GLY A 52 -6.53 -1.64 13.16
CA GLY A 52 -5.66 -0.57 12.67
C GLY A 52 -4.23 -0.82 13.06
N SER A 53 -3.33 -0.17 12.35
CA SER A 53 -1.90 -0.38 12.58
C SER A 53 -1.07 0.82 12.17
N LEU A 54 0.09 0.95 12.81
CA LEU A 54 1.07 1.93 12.42
C LEU A 54 2.37 1.18 12.24
N TRP A 55 3.00 1.33 11.10
CA TRP A 55 4.27 0.65 10.82
C TRP A 55 5.24 1.68 10.31
N LEU A 56 6.46 1.66 10.81
CA LEU A 56 7.54 2.41 10.16
C LEU A 56 7.89 1.81 8.79
N LYS A 57 7.97 2.68 7.79
CA LYS A 57 8.34 2.28 6.45
C LYS A 57 9.79 1.76 6.36
N PRO A 58 10.77 2.54 6.83
CA PRO A 58 12.17 2.08 6.76
C PRO A 58 12.41 0.99 7.77
N GLU A 59 13.20 -0.01 7.38
CA GLU A 59 13.71 -1.00 8.31
C GLU A 59 14.81 -0.36 9.16
N TYR A 60 14.88 -0.75 10.42
CA TYR A 60 15.89 -0.24 11.36
C TYR A 60 17.04 -1.23 11.49
N SER A 61 18.26 -0.71 11.42
CA SER A 61 19.46 -1.47 11.72
C SER A 61 20.11 -0.84 12.95
N ILE A 62 20.31 -1.66 13.97
CA ILE A 62 20.85 -1.19 15.24
C ILE A 62 22.33 -0.87 15.06
N LYS A 63 22.80 0.14 15.77
CA LYS A 63 24.22 0.47 15.83
C LYS A 63 24.80 -0.33 17.00
N ASP A 64 24.74 0.21 18.21
CA ASP A 64 25.22 -0.48 19.41
C ASP A 64 24.03 -1.07 20.14
N ALA A 65 23.08 -0.22 20.50
CA ALA A 65 21.91 -0.60 21.30
C ALA A 65 20.73 0.30 20.93
N MET A 66 19.57 -0.01 21.48
CA MET A 66 18.39 0.78 21.13
C MET A 66 17.33 0.77 22.23
N THR A 67 16.53 1.83 22.26
CA THR A 67 15.38 1.95 23.12
C THR A 67 14.18 2.33 22.26
N ILE A 68 13.05 1.66 22.47
CA ILE A 68 11.78 2.05 21.84
C ILE A 68 10.81 2.31 22.97
N GLU A 69 10.14 3.46 22.92
CA GLU A 69 9.12 3.81 23.88
C GLU A 69 7.83 4.09 23.13
N TRP A 70 6.79 3.32 23.44
CA TRP A 70 5.45 3.57 22.92
C TRP A 70 4.58 4.07 24.07
N THR A 71 3.83 5.15 23.86
CA THR A 71 2.87 5.63 24.84
C THR A 71 1.49 5.38 24.27
N PHE A 72 0.68 4.67 25.04
CA PHE A 72 -0.55 4.11 24.51
C PHE A 72 -1.61 4.13 25.61
N ARG A 73 -2.84 3.88 25.23
CA ARG A 73 -3.90 3.60 26.17
C ARG A 73 -5.03 2.85 25.54
N SER A 74 -5.86 2.25 26.39
CA SER A 74 -7.11 1.69 25.98
C SER A 74 -8.19 2.39 26.75
N PHE A 75 -9.14 2.98 26.04
CA PHE A 75 -10.22 3.73 26.69
C PHE A 75 -11.58 3.27 26.22
N GLY A 76 -12.54 3.31 27.14
CA GLY A 76 -13.93 3.20 26.77
C GLY A 76 -14.61 1.89 27.07
N PHE A 77 -13.83 0.85 27.34
CA PHE A 77 -14.40 -0.45 27.61
C PHE A 77 -13.57 -1.23 28.61
N ARG A 78 -14.23 -1.70 29.67
CA ARG A 78 -13.64 -2.70 30.55
C ARG A 78 -14.59 -3.89 30.58
N GLY A 79 -14.06 -5.04 30.24
CA GLY A 79 -14.76 -6.31 30.31
C GLY A 79 -14.23 -7.32 29.33
N SER A 80 -14.94 -8.44 29.23
CA SER A 80 -14.54 -9.58 28.42
C SER A 80 -14.45 -9.23 26.94
N THR A 81 -13.36 -9.66 26.31
CA THR A 81 -13.13 -9.41 24.89
C THR A 81 -11.91 -10.20 24.42
N LYS A 82 -11.87 -10.53 23.14
CA LYS A 82 -10.67 -11.11 22.52
C LYS A 82 -9.82 -10.03 21.85
N GLY A 83 -10.26 -8.78 21.93
CA GLY A 83 -9.49 -7.68 21.37
C GLY A 83 -8.16 -7.49 22.08
N GLY A 84 -7.24 -6.84 21.39
CA GLY A 84 -5.97 -6.54 22.02
C GLY A 84 -5.06 -5.65 21.18
N LEU A 85 -3.91 -5.33 21.75
CA LEU A 85 -2.94 -4.38 21.20
C LEU A 85 -1.58 -5.03 21.20
N ALA A 86 -0.94 -4.96 20.05
CA ALA A 86 0.33 -5.69 19.83
C ALA A 86 1.40 -4.71 19.43
N PHE A 87 2.62 -4.97 19.88
CA PHE A 87 3.78 -4.21 19.46
C PHE A 87 4.72 -5.22 18.81
N TRP A 88 5.25 -4.85 17.66
CA TRP A 88 5.94 -5.78 16.78
C TRP A 88 7.39 -5.35 16.49
N LEU A 89 8.27 -6.33 16.48
CA LEU A 89 9.57 -6.21 15.82
C LEU A 89 9.67 -7.43 14.89
N LYS A 90 9.63 -7.21 13.57
CA LYS A 90 9.53 -8.30 12.59
C LYS A 90 10.63 -8.29 11.54
N GLN A 91 10.97 -9.50 11.09
CA GLN A 91 12.12 -9.76 10.23
C GLN A 91 11.66 -10.19 8.86
N GLY A 92 12.38 -9.72 7.84
CA GLY A 92 12.43 -10.31 6.52
C GLY A 92 11.19 -10.79 5.81
N ASN A 93 10.03 -10.20 6.05
CA ASN A 93 8.84 -10.61 5.30
C ASN A 93 7.75 -9.56 5.15
N GLU A 94 6.89 -9.81 4.17
CA GLU A 94 5.94 -8.82 3.71
C GLU A 94 4.71 -9.53 3.14
N GLY A 95 3.98 -10.21 4.01
CA GLY A 95 2.67 -10.72 3.66
C GLY A 95 1.66 -9.62 3.88
N ASP A 96 0.40 -9.87 3.54
CA ASP A 96 -0.66 -8.87 3.73
C ASP A 96 -1.62 -9.22 4.88
N SER A 97 -1.36 -10.32 5.57
CA SER A 97 -2.27 -10.79 6.60
C SER A 97 -2.35 -9.81 7.78
N THR A 98 -3.53 -9.71 8.37
CA THR A 98 -3.77 -8.98 9.62
C THR A 98 -4.44 -9.88 10.66
N GLU A 99 -4.35 -11.19 10.47
CA GLU A 99 -5.10 -12.16 11.27
C GLU A 99 -4.74 -12.11 12.76
N LEU A 100 -3.49 -11.81 13.07
CA LEU A 100 -3.04 -11.65 14.44
C LEU A 100 -3.11 -10.16 14.86
N PHE A 101 -4.13 -9.82 15.62
CA PHE A 101 -4.31 -8.49 16.23
C PHE A 101 -4.17 -7.32 15.27
N GLY A 102 -4.71 -7.49 14.07
CA GLY A 102 -4.68 -6.46 13.06
C GLY A 102 -3.31 -6.19 12.46
N GLY A 103 -2.35 -7.06 12.75
CA GLY A 103 -0.96 -6.75 12.50
C GLY A 103 -0.15 -7.66 11.63
N SER A 104 -0.48 -8.95 11.60
CA SER A 104 0.42 -9.95 11.04
C SER A 104 -0.26 -11.28 10.76
N SER A 105 0.34 -12.08 9.87
CA SER A 105 0.00 -13.49 9.75
C SER A 105 0.35 -14.19 11.05
N LYS A 106 -0.36 -15.28 11.33
CA LYS A 106 -0.02 -16.14 12.44
C LYS A 106 1.41 -16.70 12.29
N LYS A 107 1.86 -16.80 11.04
CA LYS A 107 3.21 -17.24 10.74
C LYS A 107 4.02 -15.99 10.45
N PHE A 108 4.95 -15.71 11.35
CA PHE A 108 5.82 -14.53 11.23
C PHE A 108 7.17 -14.85 11.83
N ASN A 109 8.13 -13.99 11.52
CA ASN A 109 9.49 -14.13 12.02
C ASN A 109 9.80 -12.88 12.83
N GLY A 110 9.74 -13.02 14.14
CA GLY A 110 10.13 -11.94 15.02
C GLY A 110 9.48 -11.97 16.38
N LEU A 111 9.19 -10.79 16.92
CA LEU A 111 8.76 -10.62 18.30
C LEU A 111 7.43 -9.89 18.34
N MET A 112 6.47 -10.49 19.03
CA MET A 112 5.18 -9.88 19.28
C MET A 112 4.98 -9.69 20.79
N ILE A 113 4.73 -8.46 21.23
CA ILE A 113 4.39 -8.15 22.62
C ILE A 113 2.92 -7.76 22.65
N LEU A 114 2.13 -8.49 23.42
CA LEU A 114 0.70 -8.39 23.31
C LEU A 114 0.07 -8.00 24.61
N LEU A 115 -0.76 -6.95 24.54
CA LEU A 115 -1.63 -6.57 25.65
C LEU A 115 -3.03 -7.08 25.36
N ARG A 116 -3.49 -8.01 26.18
CA ARG A 116 -4.82 -8.58 25.96
C ARG A 116 -5.31 -9.19 27.25
N LEU A 117 -6.54 -9.69 27.22
CA LEU A 117 -7.06 -10.55 28.27
C LEU A 117 -6.78 -12.00 27.91
N ASP A 118 -5.69 -12.53 28.45
CA ASP A 118 -5.29 -13.90 28.24
C ASP A 118 -6.28 -14.78 29.03
N ASP A 119 -6.69 -15.90 28.44
CA ASP A 119 -7.72 -16.75 29.03
C ASP A 119 -7.33 -17.22 30.44
N LYS A 120 -6.03 -17.38 30.68
CA LYS A 120 -5.53 -17.87 31.97
C LYS A 120 -4.84 -16.81 32.88
N LEU A 121 -4.09 -15.85 32.32
CA LEU A 121 -3.48 -14.77 33.14
C LEU A 121 -4.41 -13.59 33.40
N GLY A 122 -5.39 -13.45 32.51
CA GLY A 122 -6.22 -12.26 32.41
C GLY A 122 -5.42 -11.11 31.82
N GLU A 123 -5.72 -9.91 32.30
CA GLU A 123 -5.17 -8.66 31.80
C GLU A 123 -3.65 -8.67 31.95
N SER A 124 -2.94 -8.64 30.83
CA SER A 124 -1.53 -9.01 30.82
C SER A 124 -0.77 -8.50 29.61
N VAL A 125 0.57 -8.49 29.77
CA VAL A 125 1.53 -8.43 28.69
C VAL A 125 2.05 -9.83 28.49
N THR A 126 1.97 -10.34 27.27
CA THR A 126 2.59 -11.64 26.91
C THR A 126 3.47 -11.45 25.71
N ALA A 127 4.67 -12.05 25.75
CA ALA A 127 5.67 -11.86 24.70
C ALA A 127 5.91 -13.19 23.98
N PHE A 128 5.92 -13.14 22.66
CA PHE A 128 5.99 -14.33 21.81
C PHE A 128 7.08 -14.17 20.76
N LEU A 129 7.81 -15.26 20.51
CA LEU A 129 8.70 -15.35 19.38
C LEU A 129 8.17 -16.34 18.36
N ASN A 130 8.37 -16.03 17.08
CA ASN A 130 8.12 -16.98 16.01
C ASN A 130 9.25 -16.86 14.99
N ASP A 131 9.66 -17.98 14.40
CA ASP A 131 10.76 -17.99 13.44
C ASP A 131 10.34 -18.14 11.97
N GLY A 132 9.06 -17.89 11.70
CA GLY A 132 8.54 -17.91 10.34
C GLY A 132 8.11 -19.28 9.81
N THR A 133 8.31 -20.33 10.59
CA THR A 133 8.06 -21.71 10.13
C THR A 133 6.76 -22.31 10.67
N LYS A 134 6.19 -21.71 11.71
CA LYS A 134 4.96 -22.22 12.36
C LYS A 134 3.90 -21.14 12.46
N ASP A 135 2.63 -21.57 12.52
CA ASP A 135 1.52 -20.69 12.87
C ASP A 135 1.52 -20.54 14.38
N LEU A 136 1.57 -19.29 14.87
CA LEU A 136 1.55 -19.05 16.29
C LEU A 136 0.17 -19.40 16.79
N ASP A 137 0.10 -20.25 17.80
CA ASP A 137 -1.15 -20.64 18.43
C ASP A 137 -1.27 -20.00 19.82
N ILE A 138 -2.02 -18.91 19.87
CA ILE A 138 -2.05 -18.05 21.04
C ILE A 138 -2.74 -18.72 22.23
N GLU A 139 -3.75 -19.54 21.94
CA GLU A 139 -4.54 -20.14 23.01
C GLU A 139 -3.87 -21.37 23.63
N SER A 140 -2.67 -21.72 23.16
CA SER A 140 -1.84 -22.73 23.83
C SER A 140 -0.83 -22.14 24.86
N SER A 141 -0.89 -20.83 25.09
CA SER A 141 0.00 -20.14 26.04
C SER A 141 1.51 -20.35 25.81
N PRO A 142 1.99 -20.19 24.56
CA PRO A 142 3.41 -20.44 24.24
C PRO A 142 4.33 -19.20 24.36
N TYR A 143 3.92 -18.21 25.12
CA TYR A 143 4.75 -17.03 25.36
C TYR A 143 6.03 -17.37 26.17
N PHE A 144 7.12 -16.65 25.91
CA PHE A 144 8.37 -16.85 26.61
C PHE A 144 8.50 -15.96 27.85
N ALA A 145 7.65 -14.93 27.94
CA ALA A 145 7.67 -14.01 29.05
C ALA A 145 6.33 -13.33 29.19
N SER A 146 6.05 -12.87 30.39
CA SER A 146 4.77 -12.22 30.71
C SER A 146 4.82 -11.43 31.98
N CYS A 147 3.84 -10.55 32.11
CA CYS A 147 3.52 -9.93 33.38
C CYS A 147 2.02 -9.59 33.42
N LEU A 148 1.49 -9.36 34.61
CA LEU A 148 0.11 -8.91 34.75
C LEU A 148 0.16 -7.39 34.72
N PHE A 149 -0.74 -6.78 33.97
CA PHE A 149 -0.69 -5.32 33.78
C PHE A 149 -2.09 -4.81 33.43
N GLN A 150 -2.56 -3.85 34.21
CA GLN A 150 -3.88 -3.28 34.03
C GLN A 150 -3.82 -2.19 32.96
N TYR A 151 -4.62 -2.34 31.91
CA TYR A 151 -4.66 -1.36 30.80
C TYR A 151 -6.07 -0.92 30.39
N GLN A 152 -7.10 -1.76 30.59
CA GLN A 152 -8.41 -1.45 30.04
C GLN A 152 -9.03 -0.22 30.70
N ASP A 153 -9.64 0.61 29.86
CA ASP A 153 -10.49 1.72 30.27
C ASP A 153 -9.78 2.70 31.22
N SER A 154 -8.71 3.29 30.72
CA SER A 154 -7.96 4.35 31.41
C SER A 154 -7.69 5.46 30.43
N MET A 155 -8.05 6.70 30.79
CA MET A 155 -7.57 7.87 30.05
C MET A 155 -6.10 8.11 30.28
N VAL A 156 -5.58 7.67 31.43
CA VAL A 156 -4.20 7.90 31.77
C VAL A 156 -3.33 6.95 30.97
N PRO A 157 -2.44 7.48 30.13
CA PRO A 157 -1.65 6.63 29.26
C PRO A 157 -0.59 5.85 30.02
N SER A 158 -0.21 4.75 29.39
CA SER A 158 0.92 3.95 29.83
C SER A 158 2.06 4.04 28.84
N THR A 159 3.26 3.71 29.28
CA THR A 159 4.44 3.69 28.42
C THR A 159 5.10 2.34 28.46
N LEU A 160 5.21 1.74 27.30
CA LEU A 160 6.00 0.51 27.10
C LEU A 160 7.40 0.93 26.70
N ARG A 161 8.42 0.48 27.43
CA ARG A 161 9.79 0.82 27.06
C ARG A 161 10.57 -0.46 26.87
N LEU A 162 11.05 -0.66 25.66
CA LEU A 162 11.85 -1.81 25.29
C LEU A 162 13.29 -1.36 25.08
N THR A 163 14.21 -1.91 25.87
CA THR A 163 15.63 -1.56 25.70
C THR A 163 16.36 -2.83 25.26
N TYR A 164 17.28 -2.72 24.33
CA TYR A 164 17.92 -3.93 23.81
C TYR A 164 19.37 -3.64 23.51
N ASN A 165 20.26 -4.44 24.08
CA ASN A 165 21.70 -4.19 23.98
C ASN A 165 22.43 -5.45 23.58
N PRO A 166 22.68 -5.61 22.29
CA PRO A 166 23.43 -6.75 21.76
C PRO A 166 24.79 -6.90 22.44
N LEU A 167 25.41 -5.78 22.77
CA LEU A 167 26.74 -5.78 23.40
C LEU A 167 26.77 -6.34 24.81
N ASP A 168 25.60 -6.45 25.43
CA ASP A 168 25.44 -7.07 26.74
C ASP A 168 24.80 -8.46 26.58
N ASN A 169 25.31 -9.22 25.61
CA ASN A 169 24.82 -10.53 25.21
C ASN A 169 23.31 -10.52 25.01
N HIS A 170 22.86 -9.51 24.28
CA HIS A 170 21.47 -9.39 23.82
C HIS A 170 20.43 -9.22 24.94
N LEU A 171 20.78 -8.51 26.00
CA LEU A 171 19.83 -8.23 27.05
C LEU A 171 18.73 -7.31 26.51
N LEU A 172 17.49 -7.80 26.63
CA LEU A 172 16.29 -7.08 26.29
C LEU A 172 15.49 -6.92 27.56
N LYS A 173 15.14 -5.68 27.88
CA LYS A 173 14.32 -5.36 29.03
C LYS A 173 13.04 -4.71 28.55
N LEU A 174 11.93 -5.13 29.13
CA LEU A 174 10.63 -4.53 28.81
C LEU A 174 10.03 -3.97 30.07
N GLN A 175 9.85 -2.65 30.12
CA GLN A 175 9.21 -1.99 31.24
C GLN A 175 7.86 -1.43 30.86
N MET A 176 6.92 -1.50 31.78
CA MET A 176 5.61 -0.88 31.66
C MET A 176 5.52 0.15 32.78
N ASP A 177 5.26 1.40 32.41
CA ASP A 177 5.24 2.50 33.36
C ASP A 177 6.50 2.52 34.27
N ASN A 178 7.65 2.22 33.66
CA ASN A 178 8.95 2.26 34.31
C ASN A 178 9.15 1.19 35.38
N ARG A 179 8.35 0.12 35.29
CA ARG A 179 8.48 -1.05 36.19
C ARG A 179 8.78 -2.25 35.31
N VAL A 180 9.71 -3.12 35.70
CA VAL A 180 10.09 -4.21 34.83
C VAL A 180 8.96 -5.23 34.72
N CYS A 181 8.64 -5.58 33.48
CA CYS A 181 7.72 -6.63 33.10
C CYS A 181 8.50 -7.93 32.93
N PHE A 182 9.52 -7.87 32.10
CA PHE A 182 10.44 -9.00 31.95
C PHE A 182 11.78 -8.55 31.42
N GLN A 183 12.77 -9.43 31.58
CA GLN A 183 14.07 -9.29 30.94
C GLN A 183 14.41 -10.64 30.37
N THR A 184 15.17 -10.62 29.28
CA THR A 184 15.47 -11.82 28.53
C THR A 184 16.74 -11.65 27.68
N ARG A 185 17.40 -12.76 27.37
CA ARG A 185 18.44 -12.78 26.34
C ARG A 185 18.09 -13.73 25.17
N LYS A 186 16.83 -14.16 25.11
CA LYS A 186 16.35 -15.08 24.07
C LYS A 186 16.14 -14.41 22.71
N VAL A 187 15.88 -13.11 22.70
CA VAL A 187 15.68 -12.38 21.45
C VAL A 187 17.02 -11.82 20.95
N LYS A 188 17.51 -12.36 19.83
CA LYS A 188 18.83 -11.98 19.30
C LYS A 188 18.79 -11.44 17.88
N PHE A 189 17.70 -11.65 17.14
CA PHE A 189 17.70 -11.31 15.72
C PHE A 189 17.94 -9.83 15.40
N MET A 190 17.60 -8.92 16.33
CA MET A 190 17.73 -7.49 16.07
C MET A 190 19.17 -6.98 16.05
N GLY A 191 20.10 -7.74 16.64
CA GLY A 191 21.49 -7.34 16.69
C GLY A 191 22.18 -7.38 15.33
N SER A 192 21.71 -8.26 14.45
CA SER A 192 22.42 -8.64 13.23
C SER A 192 21.58 -8.60 11.94
N SER A 193 20.33 -8.13 12.03
CA SER A 193 19.48 -8.05 10.86
C SER A 193 18.61 -6.78 10.94
N PRO A 194 18.26 -6.20 9.79
CA PRO A 194 17.28 -5.11 9.78
C PRO A 194 15.91 -5.64 10.16
N PHE A 195 15.07 -4.83 10.80
CA PHE A 195 13.75 -5.27 11.19
C PHE A 195 12.76 -4.12 11.15
N ARG A 196 11.49 -4.51 11.14
CA ARG A 196 10.39 -3.59 10.99
C ARG A 196 9.79 -3.38 12.37
N ILE A 197 9.34 -2.15 12.61
CA ILE A 197 8.79 -1.70 13.89
C ILE A 197 7.38 -1.21 13.70
N GLY A 198 6.45 -1.71 14.51
CA GLY A 198 5.08 -1.26 14.41
C GLY A 198 4.21 -1.68 15.57
N THR A 199 2.94 -1.29 15.47
CA THR A 199 1.93 -1.62 16.46
C THR A 199 0.63 -1.85 15.71
N SER A 200 -0.24 -2.67 16.29
CA SER A 200 -1.55 -2.91 15.70
C SER A 200 -2.53 -3.30 16.77
N ALA A 201 -3.81 -3.12 16.49
CA ALA A 201 -4.87 -3.56 17.40
C ALA A 201 -6.12 -3.98 16.68
N ILE A 202 -6.93 -4.76 17.39
CA ILE A 202 -8.26 -5.09 16.94
C ILE A 202 -9.20 -5.09 18.15
N ASN A 203 -10.43 -4.65 17.95
CA ASN A 203 -11.42 -4.68 19.01
C ASN A 203 -12.60 -5.53 18.56
N ASP A 204 -13.74 -5.34 19.24
CA ASP A 204 -14.98 -6.01 18.89
C ASP A 204 -16.12 -5.00 19.00
N ALA A 205 -17.37 -5.48 19.06
CA ALA A 205 -18.50 -4.57 19.06
C ALA A 205 -18.60 -3.65 20.30
N SER A 206 -17.89 -3.98 21.37
CA SER A 206 -17.84 -3.12 22.56
C SER A 206 -17.01 -1.84 22.35
N LYS A 207 -16.31 -1.74 21.22
CA LYS A 207 -15.64 -0.49 20.80
C LYS A 207 -14.50 -0.04 21.70
N GLU A 208 -13.78 -0.99 22.29
CA GLU A 208 -12.53 -0.67 22.99
C GLU A 208 -11.68 0.21 22.07
N SER A 209 -11.17 1.32 22.61
CA SER A 209 -10.42 2.27 21.80
C SER A 209 -8.95 2.17 22.14
N PHE A 210 -8.22 1.41 21.32
CA PHE A 210 -6.76 1.30 21.48
C PHE A 210 -6.11 2.47 20.78
N GLU A 211 -5.27 3.18 21.52
CA GLU A 211 -4.76 4.48 21.09
C GLU A 211 -3.25 4.58 21.27
N ILE A 212 -2.59 5.24 20.31
CA ILE A 212 -1.17 5.54 20.38
C ILE A 212 -0.98 7.06 20.49
N LEU A 213 -0.35 7.51 21.58
CA LEU A 213 -0.14 8.95 21.84
C LEU A 213 1.23 9.42 21.41
N LYS A 214 2.23 8.54 21.54
CA LYS A 214 3.62 8.90 21.26
C LYS A 214 4.42 7.68 20.91
N MET A 215 5.48 7.86 20.13
CA MET A 215 6.46 6.80 19.92
C MET A 215 7.81 7.42 19.63
N LYS A 216 8.84 6.96 20.34
CA LYS A 216 10.20 7.41 20.13
C LYS A 216 11.12 6.22 20.09
N LEU A 217 12.10 6.30 19.19
CA LEU A 217 13.17 5.34 19.14
C LEU A 217 14.44 6.11 19.44
N TYR A 218 15.33 5.49 20.21
CA TYR A 218 16.66 6.07 20.52
C TYR A 218 17.71 5.09 20.07
N ASP A 219 18.78 5.61 19.48
CA ASP A 219 19.93 4.83 19.05
C ASP A 219 20.86 4.48 20.22
N GLY A 220 20.30 4.22 21.39
CA GLY A 220 21.07 3.68 22.49
C GLY A 220 20.16 3.32 23.67
N VAL A 221 20.78 2.91 24.77
CA VAL A 221 20.09 2.69 26.04
C VAL A 221 20.13 3.99 26.83
N ILE A 222 19.04 4.29 27.52
CA ILE A 222 18.93 5.53 28.28
C ILE A 222 18.63 5.29 29.75
N LEU B 5 10.58 -6.57 -4.34
CA LEU B 5 9.64 -5.45 -4.05
C LEU B 5 8.21 -5.96 -4.08
N LYS B 6 7.49 -5.78 -2.98
CA LYS B 6 6.12 -6.26 -2.87
C LYS B 6 5.15 -5.24 -3.44
N TRP B 7 4.11 -5.73 -4.10
CA TRP B 7 3.08 -4.88 -4.65
C TRP B 7 1.76 -5.24 -3.99
N ASN B 8 0.75 -4.43 -4.22
CA ASN B 8 -0.59 -4.66 -3.72
C ASN B 8 -1.44 -5.54 -4.65
N LYS B 9 -1.56 -6.84 -4.34
CA LYS B 9 -2.23 -7.79 -5.21
C LYS B 9 -3.73 -7.51 -5.42
N GLY B 10 -4.36 -6.86 -4.44
CA GLY B 10 -5.76 -6.47 -4.56
C GLY B 10 -6.08 -5.46 -5.65
N TYR B 11 -5.05 -4.75 -6.13
CA TYR B 11 -5.23 -3.74 -7.15
C TYR B 11 -4.30 -4.02 -8.31
N SER B 12 -3.93 -5.27 -8.46
CA SER B 12 -3.07 -5.71 -9.55
C SER B 12 -3.72 -6.82 -10.38
N LEU B 13 -3.13 -7.12 -11.53
CA LEU B 13 -3.51 -8.31 -12.28
C LEU B 13 -2.72 -9.46 -11.69
N PRO B 14 -3.33 -10.63 -11.59
CA PRO B 14 -2.58 -11.80 -11.15
C PRO B 14 -1.61 -12.20 -12.26
N ASN B 15 -0.71 -13.11 -11.94
CA ASN B 15 0.18 -13.65 -12.94
C ASN B 15 -0.66 -14.34 -14.01
N LEU B 16 -0.67 -13.79 -15.21
CA LEU B 16 -1.61 -14.24 -16.22
C LEU B 16 -1.28 -15.60 -16.80
N LEU B 17 0.01 -15.92 -16.90
CA LEU B 17 0.43 -17.26 -17.30
C LEU B 17 -0.17 -18.30 -16.40
N GLU B 18 -0.20 -18.00 -15.11
CA GLU B 18 -0.58 -18.99 -14.09
C GLU B 18 -2.09 -19.07 -13.90
N VAL B 19 -2.87 -18.21 -14.56
CA VAL B 19 -4.33 -18.27 -14.41
C VAL B 19 -4.89 -19.56 -15.00
N THR B 20 -5.65 -20.29 -14.17
CA THR B 20 -6.33 -21.53 -14.58
C THR B 20 -7.85 -21.40 -14.58
N ASP B 21 -8.36 -20.49 -13.76
CA ASP B 21 -9.80 -20.25 -13.65
C ASP B 21 -9.99 -18.74 -13.71
N GLN B 22 -10.43 -18.24 -14.86
CA GLN B 22 -10.52 -16.80 -15.10
C GLN B 22 -11.53 -16.12 -14.21
N GLN B 23 -12.69 -16.73 -13.98
CA GLN B 23 -13.68 -16.08 -13.12
C GLN B 23 -13.14 -15.97 -11.68
N LYS B 24 -12.53 -17.05 -11.19
CA LYS B 24 -11.98 -17.09 -9.85
C LYS B 24 -10.85 -16.10 -9.66
N GLU B 25 -9.93 -16.04 -10.62
CA GLU B 25 -8.69 -15.29 -10.42
C GLU B 25 -8.69 -13.87 -10.96
N LEU B 26 -9.65 -13.54 -11.83
CA LEU B 26 -9.81 -12.19 -12.39
C LEU B 26 -11.10 -11.48 -11.96
N SER B 27 -11.64 -11.90 -10.82
CA SER B 27 -12.91 -11.35 -10.33
C SER B 27 -12.84 -9.87 -9.98
N GLN B 28 -11.62 -9.35 -9.79
CA GLN B 28 -11.42 -7.94 -9.52
C GLN B 28 -11.27 -7.10 -10.79
N TRP B 29 -11.50 -7.70 -11.95
CA TRP B 29 -11.31 -7.04 -13.24
C TRP B 29 -12.54 -7.19 -14.11
N THR B 30 -12.94 -6.10 -14.74
CA THR B 30 -13.98 -6.11 -15.76
C THR B 30 -13.34 -6.21 -17.14
N LEU B 31 -13.64 -7.29 -17.85
CA LEU B 31 -13.15 -7.52 -19.21
C LEU B 31 -14.20 -6.97 -20.17
N GLY B 32 -13.84 -5.93 -20.93
CA GLY B 32 -14.76 -5.24 -21.82
C GLY B 32 -14.58 -5.54 -23.30
N ASP B 33 -15.70 -5.56 -24.03
CA ASP B 33 -15.73 -5.78 -25.46
C ASP B 33 -14.95 -7.05 -25.85
N LYS B 34 -13.93 -6.94 -26.70
CA LYS B 34 -13.33 -8.12 -27.33
C LYS B 34 -12.05 -8.61 -26.68
N VAL B 35 -11.67 -8.05 -25.54
CA VAL B 35 -10.48 -8.51 -24.84
C VAL B 35 -10.57 -10.00 -24.49
N LYS B 36 -9.46 -10.71 -24.67
CA LYS B 36 -9.44 -12.13 -24.32
C LYS B 36 -8.08 -12.57 -23.89
N LEU B 37 -8.06 -13.44 -22.90
CA LEU B 37 -6.83 -14.05 -22.43
C LEU B 37 -6.44 -15.20 -23.36
N GLU B 38 -5.24 -15.07 -23.94
CA GLU B 38 -4.74 -16.04 -24.90
C GLU B 38 -3.26 -16.25 -24.65
N GLU B 39 -2.87 -17.51 -24.49
CA GLU B 39 -1.48 -17.89 -24.30
C GLU B 39 -0.79 -17.04 -23.19
N GLY B 40 -1.55 -16.72 -22.14
CA GLY B 40 -0.99 -16.12 -20.95
C GLY B 40 -0.91 -14.60 -20.98
N ARG B 41 -1.48 -14.00 -22.01
CA ARG B 41 -1.67 -12.55 -21.99
C ARG B 41 -3.00 -12.09 -22.55
N PHE B 42 -3.32 -10.84 -22.26
CA PHE B 42 -4.56 -10.29 -22.73
C PHE B 42 -4.33 -9.66 -24.10
N VAL B 43 -5.19 -10.00 -25.04
CA VAL B 43 -5.22 -9.32 -26.32
C VAL B 43 -6.45 -8.44 -26.29
N LEU B 44 -6.23 -7.13 -26.25
CA LEU B 44 -7.33 -6.19 -26.24
C LEU B 44 -8.08 -6.11 -27.56
N THR B 45 -7.37 -6.22 -28.68
CA THR B 45 -7.94 -6.04 -30.03
C THR B 45 -7.57 -7.19 -30.96
N PRO B 46 -8.19 -8.34 -30.73
CA PRO B 46 -7.83 -9.60 -31.41
C PRO B 46 -8.24 -9.73 -32.89
N GLY B 47 -9.09 -8.84 -33.38
CA GLY B 47 -9.51 -8.86 -34.78
C GLY B 47 -9.55 -7.48 -35.42
N LYS B 48 -9.88 -7.46 -36.72
CA LYS B 48 -9.97 -6.20 -37.46
C LYS B 48 -11.09 -5.37 -36.87
N ASN B 49 -10.82 -4.09 -36.65
CA ASN B 49 -11.81 -3.14 -36.14
C ASN B 49 -12.49 -3.68 -34.88
N THR B 50 -11.67 -4.07 -33.91
CA THR B 50 -12.16 -4.45 -32.59
C THR B 50 -11.66 -3.47 -31.53
N LYS B 51 -12.32 -3.49 -30.38
CA LYS B 51 -11.89 -2.77 -29.19
C LYS B 51 -12.02 -3.68 -27.98
N GLY B 52 -11.30 -3.34 -26.94
CA GLY B 52 -11.20 -4.15 -25.75
C GLY B 52 -10.71 -3.32 -24.60
N SER B 53 -11.03 -3.72 -23.39
CA SER B 53 -10.65 -2.97 -22.20
C SER B 53 -10.58 -3.84 -20.96
N LEU B 54 -9.75 -3.42 -20.03
CA LEU B 54 -9.60 -4.04 -18.73
C LEU B 54 -9.71 -2.96 -17.68
N TRP B 55 -10.69 -3.07 -16.79
CA TRP B 55 -10.89 -2.08 -15.74
C TRP B 55 -10.86 -2.76 -14.37
N LEU B 56 -10.08 -2.22 -13.46
CA LEU B 56 -10.01 -2.76 -12.11
C LEU B 56 -11.29 -2.33 -11.39
N LYS B 57 -11.94 -3.30 -10.72
CA LYS B 57 -13.21 -3.05 -10.02
C LYS B 57 -13.08 -2.26 -8.72
N PRO B 58 -12.19 -2.66 -7.80
CA PRO B 58 -11.99 -1.89 -6.59
C PRO B 58 -11.36 -0.57 -6.94
N GLU B 59 -11.85 0.48 -6.30
CA GLU B 59 -11.33 1.82 -6.47
C GLU B 59 -10.27 2.08 -5.42
N TYR B 60 -9.18 2.72 -5.83
CA TYR B 60 -8.02 2.84 -4.99
C TYR B 60 -7.91 4.21 -4.32
N SER B 61 -7.72 4.22 -3.01
CA SER B 61 -7.58 5.46 -2.26
C SER B 61 -6.10 5.62 -1.94
N ILE B 62 -5.52 6.66 -2.51
CA ILE B 62 -4.09 6.91 -2.35
C ILE B 62 -3.76 7.41 -0.96
N LYS B 63 -2.54 7.09 -0.53
CA LYS B 63 -1.95 7.64 0.69
C LYS B 63 -0.89 8.67 0.25
N ASP B 64 0.37 8.47 0.61
CA ASP B 64 1.39 9.43 0.22
C ASP B 64 1.71 9.39 -1.26
N ALA B 65 1.68 8.18 -1.80
CA ALA B 65 2.05 7.97 -3.18
C ALA B 65 1.59 6.61 -3.69
N MET B 66 1.58 6.48 -5.01
CA MET B 66 1.30 5.21 -5.66
C MET B 66 2.12 5.08 -6.94
N THR B 67 2.44 3.84 -7.29
CA THR B 67 3.05 3.51 -8.57
C THR B 67 2.22 2.45 -9.29
N ILE B 68 1.94 2.66 -10.56
CA ILE B 68 1.21 1.70 -11.39
C ILE B 68 2.13 1.32 -12.53
N GLU B 69 2.35 0.02 -12.73
CA GLU B 69 3.17 -0.47 -13.84
C GLU B 69 2.38 -1.37 -14.72
N TRP B 70 2.26 -1.02 -16.00
CA TRP B 70 1.63 -1.82 -17.04
C TRP B 70 2.71 -2.31 -17.99
N THR B 71 2.66 -3.59 -18.33
CA THR B 71 3.53 -4.17 -19.35
C THR B 71 2.65 -4.51 -20.53
N PHE B 72 2.98 -3.97 -21.69
CA PHE B 72 2.12 -4.01 -22.87
C PHE B 72 2.95 -4.22 -24.13
N ARG B 73 2.27 -4.55 -25.20
CA ARG B 73 2.91 -4.51 -26.52
C ARG B 73 1.92 -4.20 -27.62
N SER B 74 2.43 -3.73 -28.74
CA SER B 74 1.68 -3.66 -29.96
C SER B 74 2.39 -4.50 -30.97
N PHE B 75 1.63 -5.35 -31.66
CA PHE B 75 2.22 -6.26 -32.63
C PHE B 75 1.38 -6.40 -33.89
N GLY B 76 2.06 -6.60 -35.02
CA GLY B 76 1.41 -7.00 -36.26
C GLY B 76 1.34 -5.93 -37.33
N PHE B 77 1.56 -4.68 -36.96
CA PHE B 77 1.41 -3.58 -37.91
C PHE B 77 2.27 -2.39 -37.56
N ARG B 78 2.92 -1.88 -38.60
CA ARG B 78 3.73 -0.70 -38.56
C ARG B 78 3.15 0.25 -39.61
N GLY B 79 2.91 1.50 -39.23
CA GLY B 79 2.36 2.50 -40.14
C GLY B 79 1.15 3.21 -39.56
N SER B 80 0.56 4.12 -40.35
CA SER B 80 -0.49 4.99 -39.83
C SER B 80 -1.76 4.19 -39.59
N THR B 81 -2.51 4.56 -38.57
CA THR B 81 -3.74 3.86 -38.24
C THR B 81 -4.69 4.65 -37.33
N LYS B 82 -5.96 4.27 -37.32
CA LYS B 82 -6.97 4.92 -36.46
C LYS B 82 -6.81 4.45 -34.99
N GLY B 83 -6.05 3.37 -34.81
CA GLY B 83 -5.96 2.72 -33.52
C GLY B 83 -5.12 3.44 -32.48
N GLY B 84 -5.26 2.98 -31.25
CA GLY B 84 -4.44 3.45 -30.16
C GLY B 84 -4.70 2.67 -28.89
N LEU B 85 -3.80 2.82 -27.92
CA LEU B 85 -3.84 2.13 -26.66
C LEU B 85 -3.81 3.20 -25.54
N ALA B 86 -4.77 3.15 -24.65
CA ALA B 86 -4.92 4.13 -23.60
C ALA B 86 -4.80 3.51 -22.23
N PHE B 87 -4.22 4.27 -21.30
CA PHE B 87 -4.15 3.93 -19.90
C PHE B 87 -4.82 5.04 -19.11
N TRP B 88 -5.67 4.67 -18.18
CA TRP B 88 -6.60 5.60 -17.55
C TRP B 88 -6.44 5.65 -16.03
N LEU B 89 -6.62 6.86 -15.48
CA LEU B 89 -6.74 7.10 -14.06
C LEU B 89 -7.91 8.06 -13.94
N LYS B 90 -9.06 7.52 -13.56
CA LYS B 90 -10.33 8.24 -13.59
C LYS B 90 -10.89 8.43 -12.18
N GLN B 91 -11.70 9.48 -12.04
CA GLN B 91 -12.45 9.73 -10.82
C GLN B 91 -13.86 10.20 -11.26
N GLY B 92 -14.70 10.64 -10.33
CA GLY B 92 -16.06 11.05 -10.67
C GLY B 92 -17.00 9.89 -10.96
N ASN B 93 -18.21 10.18 -11.45
CA ASN B 93 -19.16 9.11 -11.76
C ASN B 93 -18.82 8.42 -13.08
N GLU B 94 -19.04 7.11 -13.15
CA GLU B 94 -18.78 6.36 -14.38
C GLU B 94 -20.05 6.25 -15.21
N GLY B 95 -19.90 6.42 -16.52
CA GLY B 95 -20.99 6.28 -17.47
C GLY B 95 -20.92 4.96 -18.19
N ASP B 96 -21.41 4.93 -19.43
CA ASP B 96 -21.45 3.70 -20.21
C ASP B 96 -20.70 3.78 -21.55
N SER B 97 -19.85 4.79 -21.71
CA SER B 97 -19.29 5.11 -23.02
C SER B 97 -17.95 4.42 -23.26
N THR B 98 -17.74 3.99 -24.51
CA THR B 98 -16.45 3.47 -24.96
C THR B 98 -15.97 4.26 -26.17
N GLU B 99 -16.52 5.46 -26.34
CA GLU B 99 -16.30 6.21 -27.58
C GLU B 99 -14.85 6.71 -27.76
N LEU B 100 -14.12 6.88 -26.67
CA LEU B 100 -12.75 7.37 -26.72
C LEU B 100 -11.78 6.21 -26.45
N PHE B 101 -11.11 5.78 -27.53
CA PHE B 101 -10.16 4.65 -27.53
C PHE B 101 -10.66 3.41 -26.82
N GLY B 102 -11.95 3.15 -26.99
CA GLY B 102 -12.60 1.95 -26.50
C GLY B 102 -12.77 1.87 -24.99
N GLY B 103 -12.55 2.98 -24.29
CA GLY B 103 -12.44 2.94 -22.86
C GLY B 103 -13.29 3.91 -22.06
N SER B 104 -13.70 5.02 -22.65
CA SER B 104 -14.30 6.11 -21.88
C SER B 104 -15.20 7.01 -22.71
N SER B 105 -16.07 7.73 -22.02
CA SER B 105 -16.68 8.91 -22.61
C SER B 105 -15.59 9.93 -22.88
N LYS B 106 -15.78 10.77 -23.87
CA LYS B 106 -14.91 11.92 -24.07
C LYS B 106 -15.01 12.81 -22.81
N LYS B 107 -16.18 12.82 -22.17
CA LYS B 107 -16.41 13.54 -20.92
C LYS B 107 -16.04 12.69 -19.74
N PHE B 108 -14.89 12.96 -19.15
CA PHE B 108 -14.41 12.21 -18.00
C PHE B 108 -13.62 13.12 -17.08
N ASN B 109 -13.43 12.64 -15.85
CA ASN B 109 -12.57 13.25 -14.85
C ASN B 109 -11.36 12.38 -14.73
N GLY B 110 -10.18 12.96 -14.99
CA GLY B 110 -8.94 12.27 -14.72
C GLY B 110 -7.98 12.38 -15.86
N LEU B 111 -7.23 11.29 -16.04
CA LEU B 111 -6.05 11.25 -16.90
C LEU B 111 -6.15 10.14 -17.93
N MET B 112 -5.85 10.48 -19.18
CA MET B 112 -5.67 9.52 -20.25
C MET B 112 -4.26 9.61 -20.79
N ILE B 113 -3.58 8.46 -20.77
CA ILE B 113 -2.25 8.33 -21.38
C ILE B 113 -2.43 7.51 -22.63
N LEU B 114 -2.06 8.05 -23.78
CA LEU B 114 -2.35 7.48 -25.05
C LEU B 114 -1.07 7.17 -25.84
N LEU B 115 -0.98 5.92 -26.29
CA LEU B 115 0.02 5.47 -27.22
C LEU B 115 -0.62 5.36 -28.58
N ARG B 116 -0.14 6.16 -29.53
CA ARG B 116 -0.66 6.13 -30.90
C ARG B 116 0.38 6.76 -31.85
N LEU B 117 0.13 6.64 -33.16
CA LEU B 117 0.97 7.31 -34.17
C LEU B 117 0.27 8.64 -34.45
N ASP B 118 0.76 9.67 -33.76
CA ASP B 118 0.21 11.02 -33.80
C ASP B 118 0.63 11.72 -35.10
N ASP B 119 -0.27 12.50 -35.69
CA ASP B 119 0.02 13.05 -37.02
C ASP B 119 1.25 13.96 -37.05
N LYS B 120 1.55 14.61 -35.94
CA LYS B 120 2.72 15.47 -35.85
C LYS B 120 3.91 14.80 -35.19
N LEU B 121 3.67 14.05 -34.11
CA LEU B 121 4.78 13.51 -33.30
C LEU B 121 5.33 12.19 -33.80
N GLY B 122 4.49 11.45 -34.51
CA GLY B 122 4.76 10.07 -34.85
C GLY B 122 4.43 9.19 -33.67
N GLU B 123 5.11 8.06 -33.57
CA GLU B 123 4.90 7.14 -32.46
C GLU B 123 5.21 7.88 -31.16
N SER B 124 4.24 7.90 -30.24
CA SER B 124 4.35 8.76 -29.09
C SER B 124 3.42 8.38 -27.93
N VAL B 125 3.78 8.86 -26.76
CA VAL B 125 2.90 8.93 -25.60
C VAL B 125 2.38 10.39 -25.51
N THR B 126 1.07 10.56 -25.43
CA THR B 126 0.48 11.88 -25.22
C THR B 126 -0.45 11.75 -24.04
N ALA B 127 -0.39 12.72 -23.14
CA ALA B 127 -1.12 12.67 -21.88
C ALA B 127 -2.15 13.80 -21.89
N PHE B 128 -3.38 13.43 -21.57
CA PHE B 128 -4.52 14.37 -21.57
C PHE B 128 -5.22 14.39 -20.22
N LEU B 129 -5.64 15.58 -19.81
CA LEU B 129 -6.43 15.78 -18.60
C LEU B 129 -7.86 16.20 -18.98
N ASN B 130 -8.82 15.78 -18.17
CA ASN B 130 -10.20 16.28 -18.29
C ASN B 130 -10.81 16.35 -16.89
N ASP B 131 -11.78 17.27 -16.70
CA ASP B 131 -12.34 17.53 -15.39
C ASP B 131 -13.85 17.26 -15.32
N GLY B 132 -14.35 16.46 -16.25
CA GLY B 132 -15.74 16.08 -16.31
C GLY B 132 -16.67 17.12 -16.91
N THR B 133 -16.16 18.30 -17.25
CA THR B 133 -17.05 19.42 -17.63
C THR B 133 -17.35 19.48 -19.12
N LYS B 134 -16.44 18.95 -19.91
CA LYS B 134 -16.56 18.98 -21.37
C LYS B 134 -16.20 17.63 -21.97
N ASP B 135 -16.61 17.44 -23.22
CA ASP B 135 -16.11 16.34 -24.03
C ASP B 135 -14.68 16.68 -24.45
N LEU B 136 -13.73 15.80 -24.12
CA LEU B 136 -12.38 15.90 -24.62
C LEU B 136 -12.33 15.55 -26.11
N ASP B 137 -11.85 16.48 -26.92
CA ASP B 137 -11.60 16.21 -28.34
C ASP B 137 -10.11 16.27 -28.64
N ILE B 138 -9.51 15.11 -28.88
CA ILE B 138 -8.05 15.02 -29.00
C ILE B 138 -7.48 15.64 -30.28
N GLU B 139 -8.36 15.93 -31.24
CA GLU B 139 -7.96 16.58 -32.48
C GLU B 139 -7.48 17.99 -32.17
N SER B 140 -8.31 18.74 -31.44
CA SER B 140 -8.05 20.15 -31.17
C SER B 140 -7.47 20.37 -29.76
N SER B 141 -8.14 19.80 -28.76
CA SER B 141 -7.69 19.95 -27.38
C SER B 141 -6.28 19.40 -27.17
N PRO B 142 -5.39 20.22 -26.64
CA PRO B 142 -3.98 19.81 -26.49
C PRO B 142 -3.78 18.80 -25.36
N TYR B 143 -2.77 17.95 -25.56
CA TYR B 143 -2.24 17.16 -24.46
C TYR B 143 -1.34 18.08 -23.62
N PHE B 144 -1.13 17.77 -22.34
CA PHE B 144 -0.33 18.58 -21.43
C PHE B 144 1.12 18.08 -21.35
N ALA B 145 1.37 16.88 -21.87
CA ALA B 145 2.72 16.29 -21.83
C ALA B 145 2.81 15.22 -22.89
N SER B 146 4.04 14.92 -23.29
CA SER B 146 4.27 13.93 -24.33
C SER B 146 5.71 13.47 -24.35
N CYS B 147 5.93 12.33 -24.98
CA CYS B 147 7.27 11.94 -25.42
C CYS B 147 7.14 11.11 -26.69
N LEU B 148 8.25 10.98 -27.41
CA LEU B 148 8.33 10.13 -28.57
C LEU B 148 8.76 8.76 -28.11
N PHE B 149 8.11 7.74 -28.61
CA PHE B 149 8.33 6.38 -28.11
C PHE B 149 7.96 5.36 -29.15
N GLN B 150 8.91 4.54 -29.56
CA GLN B 150 8.64 3.50 -30.53
C GLN B 150 8.06 2.25 -29.87
N TYR B 151 6.86 1.91 -30.29
CA TYR B 151 6.11 0.75 -29.75
C TYR B 151 5.55 -0.18 -30.82
N GLN B 152 5.31 0.30 -32.04
CA GLN B 152 4.63 -0.51 -33.04
C GLN B 152 5.44 -1.72 -33.50
N ASP B 153 4.73 -2.83 -33.68
CA ASP B 153 5.25 -4.07 -34.22
C ASP B 153 6.52 -4.49 -33.49
N SER B 154 6.38 -4.57 -32.17
CA SER B 154 7.47 -4.92 -31.29
C SER B 154 7.22 -6.25 -30.58
N MET B 155 8.07 -7.23 -30.90
CA MET B 155 8.06 -8.50 -30.18
C MET B 155 8.31 -8.29 -28.67
N VAL B 156 9.20 -7.39 -28.34
CA VAL B 156 9.60 -7.16 -26.97
C VAL B 156 8.64 -6.14 -26.37
N PRO B 157 7.99 -6.47 -25.24
CA PRO B 157 7.03 -5.53 -24.67
C PRO B 157 7.74 -4.38 -23.98
N SER B 158 6.95 -3.39 -23.59
CA SER B 158 7.41 -2.26 -22.83
C SER B 158 6.69 -2.14 -21.50
N THR B 159 7.34 -1.43 -20.59
CA THR B 159 6.83 -1.19 -19.25
C THR B 159 6.55 0.29 -19.09
N LEU B 160 5.30 0.62 -18.80
CA LEU B 160 4.87 1.95 -18.49
C LEU B 160 4.76 2.03 -16.97
N ARG B 161 5.49 2.95 -16.38
CA ARG B 161 5.47 3.16 -14.94
C ARG B 161 4.97 4.55 -14.63
N LEU B 162 3.80 4.64 -14.02
CA LEU B 162 3.19 5.90 -13.67
C LEU B 162 3.27 6.07 -12.16
N THR B 163 3.88 7.13 -11.68
CA THR B 163 3.94 7.42 -10.27
C THR B 163 3.20 8.72 -10.00
N TYR B 164 2.33 8.71 -9.00
CA TYR B 164 1.69 9.90 -8.50
C TYR B 164 2.02 10.07 -7.02
N ASN B 165 2.55 11.23 -6.66
CA ASN B 165 3.11 11.47 -5.33
C ASN B 165 2.64 12.78 -4.73
N PRO B 166 1.43 12.79 -4.16
CA PRO B 166 0.92 13.95 -3.45
C PRO B 166 1.92 14.58 -2.46
N LEU B 167 2.64 13.75 -1.71
CA LEU B 167 3.61 14.24 -0.72
C LEU B 167 4.63 15.19 -1.38
N ASP B 168 5.13 14.80 -2.55
CA ASP B 168 6.16 15.56 -3.27
C ASP B 168 5.49 16.59 -4.19
N ASN B 169 4.63 17.39 -3.58
CA ASN B 169 3.84 18.41 -4.27
C ASN B 169 3.17 17.92 -5.55
N HIS B 170 2.50 16.77 -5.42
CA HIS B 170 1.65 16.20 -6.47
C HIS B 170 2.39 15.95 -7.76
N LEU B 171 3.61 15.42 -7.62
CA LEU B 171 4.37 15.05 -8.78
C LEU B 171 3.73 13.86 -9.47
N LEU B 172 3.49 14.00 -10.76
CA LEU B 172 3.05 12.94 -11.66
C LEU B 172 4.19 12.68 -12.63
N LYS B 173 4.67 11.45 -12.66
CA LYS B 173 5.83 11.09 -13.47
C LYS B 173 5.49 9.83 -14.25
N LEU B 174 5.88 9.79 -15.52
CA LEU B 174 5.68 8.66 -16.39
C LEU B 174 7.00 8.22 -16.94
N GLN B 175 7.33 6.95 -16.74
CA GLN B 175 8.53 6.35 -17.28
C GLN B 175 8.13 5.26 -18.28
N MET B 176 8.83 5.17 -19.40
CA MET B 176 8.61 4.15 -20.41
C MET B 176 9.91 3.40 -20.54
N ASP B 177 9.89 2.11 -20.25
CA ASP B 177 11.13 1.34 -20.22
C ASP B 177 12.22 2.08 -19.42
N ASN B 178 11.83 2.52 -18.23
CA ASN B 178 12.66 3.23 -17.24
C ASN B 178 13.41 4.48 -17.71
N ARG B 179 12.91 5.12 -18.77
CA ARG B 179 13.36 6.44 -19.21
C ARG B 179 12.21 7.38 -18.96
N VAL B 180 12.50 8.59 -18.52
CA VAL B 180 11.41 9.51 -18.18
C VAL B 180 10.76 10.03 -19.46
N CYS B 181 9.45 9.87 -19.57
CA CYS B 181 8.65 10.39 -20.68
C CYS B 181 8.25 11.83 -20.35
N PHE B 182 7.65 12.02 -19.17
CA PHE B 182 7.36 13.34 -18.62
C PHE B 182 7.28 13.35 -17.09
N GLN B 183 7.40 14.53 -16.51
CA GLN B 183 7.17 14.79 -15.10
C GLN B 183 6.45 16.11 -15.02
N THR B 184 5.47 16.22 -14.13
CA THR B 184 4.79 17.49 -13.92
C THR B 184 4.13 17.58 -12.55
N ARG B 185 3.94 18.83 -12.10
CA ARG B 185 3.20 19.16 -10.87
C ARG B 185 1.99 20.08 -11.09
N LYS B 186 1.57 20.21 -12.34
CA LYS B 186 0.42 21.06 -12.67
C LYS B 186 -0.90 20.29 -12.51
N VAL B 187 -0.81 18.96 -12.43
CA VAL B 187 -1.99 18.11 -12.30
C VAL B 187 -2.30 17.75 -10.84
N LYS B 188 -3.53 18.05 -10.43
CA LYS B 188 -4.07 17.62 -9.15
C LYS B 188 -5.33 16.81 -9.43
N PHE B 189 -5.49 15.74 -8.66
CA PHE B 189 -6.66 14.91 -8.74
C PHE B 189 -7.52 15.23 -7.53
N MET B 190 -8.64 14.57 -7.40
CA MET B 190 -9.44 14.68 -6.17
C MET B 190 -8.67 14.03 -5.02
N GLY B 191 -8.36 14.81 -4.00
CA GLY B 191 -7.47 14.38 -2.94
C GLY B 191 -8.02 13.32 -1.98
N SER B 192 -9.35 13.25 -1.86
CA SER B 192 -10.00 12.32 -0.92
C SER B 192 -11.09 11.50 -1.61
N SER B 193 -10.82 11.14 -2.86
CA SER B 193 -11.74 10.29 -3.61
C SER B 193 -10.92 9.22 -4.33
N PRO B 194 -11.45 8.01 -4.42
CA PRO B 194 -10.72 6.89 -5.02
C PRO B 194 -10.49 7.04 -6.53
N PHE B 195 -9.48 6.34 -7.03
CA PHE B 195 -9.23 6.24 -8.45
C PHE B 195 -9.78 4.96 -9.04
N ARG B 196 -10.25 5.05 -10.28
CA ARG B 196 -10.54 3.89 -11.11
C ARG B 196 -9.41 3.75 -12.12
N ILE B 197 -8.88 2.55 -12.19
CA ILE B 197 -7.66 2.27 -12.97
C ILE B 197 -8.00 1.30 -14.09
N GLY B 198 -7.53 1.57 -15.29
CA GLY B 198 -7.80 0.70 -16.40
C GLY B 198 -6.97 0.94 -17.66
N THR B 199 -7.26 0.15 -18.67
CA THR B 199 -6.67 0.27 -19.98
C THR B 199 -7.67 -0.11 -21.05
N SER B 200 -7.55 0.50 -22.22
CA SER B 200 -8.36 0.15 -23.35
C SER B 200 -7.64 0.37 -24.66
N ALA B 201 -8.12 -0.29 -25.70
CA ALA B 201 -7.57 -0.05 -27.01
C ALA B 201 -8.58 -0.30 -28.11
N ILE B 202 -8.28 0.26 -29.26
CA ILE B 202 -9.08 0.05 -30.47
C ILE B 202 -8.12 0.02 -31.65
N ASN B 203 -8.36 -0.86 -32.61
CA ASN B 203 -7.56 -0.90 -33.82
C ASN B 203 -8.45 -0.64 -35.03
N ASP B 204 -7.91 -0.88 -36.21
CA ASP B 204 -8.67 -0.73 -37.44
C ASP B 204 -8.47 -1.95 -38.34
N ALA B 205 -8.64 -1.77 -39.65
CA ALA B 205 -8.59 -2.87 -40.61
C ALA B 205 -7.20 -3.49 -40.71
N SER B 206 -6.17 -2.69 -40.47
CA SER B 206 -4.84 -3.23 -40.29
C SER B 206 -4.93 -4.03 -39.00
N LYS B 207 -4.07 -4.97 -38.74
CA LYS B 207 -4.48 -5.93 -37.71
C LYS B 207 -3.89 -5.66 -36.31
N GLU B 208 -3.66 -4.40 -35.98
CA GLU B 208 -2.81 -4.09 -34.82
C GLU B 208 -3.34 -4.77 -33.57
N SER B 209 -2.45 -5.51 -32.93
CA SER B 209 -2.78 -6.29 -31.76
C SER B 209 -2.18 -5.57 -30.56
N PHE B 210 -3.02 -4.94 -29.76
CA PHE B 210 -2.60 -4.34 -28.52
C PHE B 210 -2.80 -5.33 -27.41
N GLU B 211 -1.76 -5.55 -26.63
CA GLU B 211 -1.69 -6.63 -25.67
C GLU B 211 -1.24 -6.14 -24.30
N ILE B 212 -1.81 -6.74 -23.25
CA ILE B 212 -1.41 -6.45 -21.87
C ILE B 212 -0.88 -7.72 -21.23
N LEU B 213 0.33 -7.67 -20.70
CA LEU B 213 0.98 -8.85 -20.12
C LEU B 213 1.00 -8.85 -18.59
N LYS B 214 1.03 -7.69 -17.97
CA LYS B 214 1.21 -7.58 -16.53
C LYS B 214 0.72 -6.21 -16.06
N MET B 215 0.17 -6.18 -14.85
CA MET B 215 -0.15 -4.93 -14.19
C MET B 215 0.08 -5.09 -12.69
N LYS B 216 0.84 -4.19 -12.11
CA LYS B 216 0.99 -4.09 -10.67
C LYS B 216 0.77 -2.67 -10.20
N LEU B 217 0.11 -2.54 -9.05
CA LEU B 217 0.04 -1.32 -8.29
C LEU B 217 0.86 -1.48 -6.99
N TYR B 218 1.66 -0.47 -6.68
CA TYR B 218 2.42 -0.37 -5.43
C TYR B 218 1.91 0.79 -4.59
N ASP B 219 1.88 0.61 -3.26
CA ASP B 219 1.35 1.61 -2.34
C ASP B 219 2.33 2.71 -1.95
N GLY B 220 3.26 3.00 -2.85
CA GLY B 220 4.21 4.08 -2.67
C GLY B 220 5.04 4.22 -3.94
N VAL B 221 6.12 5.00 -3.82
CA VAL B 221 7.05 5.27 -4.90
C VAL B 221 8.02 4.10 -4.95
N ILE B 222 8.52 3.80 -6.14
CA ILE B 222 9.63 2.86 -6.31
C ILE B 222 10.93 3.68 -6.40
N GLU B 223 11.81 3.47 -5.41
CA GLU B 223 13.16 4.08 -5.28
C GLU B 223 13.16 5.39 -4.48
K K C . 2.20 8.35 5.94
C1 EDO D . 4.53 -4.11 35.17
O1 EDO D . 5.64 -4.10 34.28
C2 EDO D . 4.24 -5.52 35.68
O2 EDO D . 5.40 -6.00 36.34
C1 EDO E . -8.69 17.19 -13.96
O1 EDO E . -8.33 18.22 -13.06
C2 EDO E . -8.97 15.92 -13.19
O2 EDO E . -7.87 15.62 -12.34
#